data_2QED
#
_entry.id   2QED
#
_cell.length_a   43.376
_cell.length_b   57.176
_cell.length_c   53.937
_cell.angle_alpha   90.000
_cell.angle_beta   111.940
_cell.angle_gamma   90.000
#
_symmetry.space_group_name_H-M   'P 1 21 1'
#
loop_
_entity.id
_entity.type
_entity.pdbx_description
1 polymer 'Hydroxyacylglutathione hydrolase'
2 non-polymer 'FE (III) ION'
3 non-polymer 1,2-ETHANEDIOL
4 water water
#
_entity_poly.entity_id   1
_entity_poly.type   'polypeptide(L)'
_entity_poly.pdbx_seq_one_letter_code
;AMADIGSMNLNSIPAFQDNYIWVLTNDEGRCVIVDPGEAAPVLKAIAEHKWMPEAIFLTHHHHDHVGGVKELLQHFPQMT
VYGPAETQDKGATHLVGDGDTIRVLGEKFTLFATPGHTLGHVCYFSRPYLFCGDTLFSGGCGRLFEGTPSQMYQSLMKIN
SLPDDTLICCAHEYTLANIKFALSILPHDSFINEYYRKVKELRVKKQMTLPVILKNERKINLFLRTEDIDLINEINKETI
LQQPEARFAWLRSKKDTF
;
_entity_poly.pdbx_strand_id   A
#
# COMPACT_ATOMS: atom_id res chain seq x y z
N SER A 7 -12.13 4.64 17.38
CA SER A 7 -11.83 3.23 17.10
C SER A 7 -12.43 2.82 15.76
N MET A 8 -11.58 2.36 14.85
CA MET A 8 -12.05 1.98 13.53
CA MET A 8 -12.00 1.99 13.51
C MET A 8 -11.80 0.51 13.22
N ASN A 9 -12.70 -0.06 12.43
CA ASN A 9 -12.57 -1.44 11.98
CA ASN A 9 -12.56 -1.43 11.98
C ASN A 9 -12.36 -1.51 10.48
N LEU A 10 -11.62 -2.51 10.06
CA LEU A 10 -11.17 -2.61 8.69
C LEU A 10 -11.85 -3.73 7.95
N ASN A 11 -12.28 -3.42 6.74
CA ASN A 11 -12.84 -4.40 5.85
C ASN A 11 -12.20 -4.26 4.51
N SER A 12 -12.31 -5.29 3.70
CA SER A 12 -11.77 -5.22 2.36
C SER A 12 -12.77 -5.78 1.39
N ILE A 13 -12.70 -5.25 0.19
CA ILE A 13 -13.58 -5.66 -0.88
C ILE A 13 -12.70 -5.95 -2.08
N PRO A 14 -12.72 -7.19 -2.57
CA PRO A 14 -11.89 -7.46 -3.74
C PRO A 14 -12.46 -6.73 -4.95
N ALA A 15 -11.59 -6.29 -5.84
CA ALA A 15 -12.03 -5.68 -7.07
C ALA A 15 -11.08 -6.08 -8.15
N PHE A 16 -11.58 -6.06 -9.38
CA PHE A 16 -10.81 -6.44 -10.53
C PHE A 16 -10.17 -7.80 -10.28
N GLN A 17 -8.88 -7.94 -10.58
CA GLN A 17 -8.25 -9.25 -10.46
CA GLN A 17 -8.21 -9.23 -10.48
C GLN A 17 -7.49 -9.41 -9.15
N ASP A 18 -6.88 -8.35 -8.67
CA ASP A 18 -6.07 -8.48 -7.47
C ASP A 18 -6.08 -7.20 -6.64
N ASN A 19 -7.09 -6.37 -6.82
CA ASN A 19 -7.22 -5.18 -5.99
C ASN A 19 -8.00 -5.46 -4.74
N TYR A 20 -7.68 -4.72 -3.69
CA TYR A 20 -8.56 -4.63 -2.53
C TYR A 20 -8.98 -3.20 -2.37
N ILE A 21 -10.26 -3.03 -2.13
CA ILE A 21 -10.80 -1.74 -1.76
C ILE A 21 -10.99 -1.81 -0.27
N TRP A 22 -10.14 -1.11 0.46
CA TRP A 22 -10.24 -1.10 1.91
C TRP A 22 -11.36 -0.20 2.35
N VAL A 23 -12.03 -0.60 3.42
CA VAL A 23 -13.05 0.23 3.98
C VAL A 23 -12.80 0.28 5.46
N LEU A 24 -12.69 1.50 5.98
CA LEU A 24 -12.52 1.68 7.40
C LEU A 24 -13.85 2.19 7.88
N THR A 25 -14.32 1.66 8.99
CA THR A 25 -15.60 2.08 9.53
CA THR A 25 -15.60 2.07 9.54
C THR A 25 -15.45 2.42 11.00
N ASN A 26 -16.18 3.43 11.44
CA ASN A 26 -16.17 3.78 12.85
C ASN A 26 -17.36 3.13 13.55
N ASP A 27 -17.49 3.40 14.85
CA ASP A 27 -18.54 2.81 15.66
CA ASP A 27 -18.54 2.76 15.63
C ASP A 27 -19.93 3.21 15.17
N GLU A 28 -20.00 4.34 14.47
CA GLU A 28 -21.27 4.84 13.98
C GLU A 28 -21.64 4.22 12.63
N GLY A 29 -20.80 3.31 12.14
CA GLY A 29 -21.07 2.66 10.87
C GLY A 29 -20.74 3.53 9.68
N ARG A 30 -20.04 4.63 9.93
CA ARG A 30 -19.59 5.52 8.87
CA ARG A 30 -19.63 5.48 8.83
C ARG A 30 -18.30 5.00 8.30
N CYS A 31 -18.17 5.05 6.98
CA CYS A 31 -16.99 4.45 6.40
C CYS A 31 -16.27 5.36 5.44
N VAL A 32 -14.98 5.08 5.32
CA VAL A 32 -14.19 5.63 4.25
C VAL A 32 -13.77 4.48 3.37
N ILE A 33 -13.87 4.72 2.08
CA ILE A 33 -13.63 3.69 1.09
C ILE A 33 -12.37 4.09 0.38
N VAL A 34 -11.40 3.19 0.31
CA VAL A 34 -10.08 3.53 -0.17
C VAL A 34 -9.87 2.95 -1.54
N ASP A 35 -9.58 3.83 -2.49
CA ASP A 35 -9.26 3.42 -3.86
C ASP A 35 -10.28 2.46 -4.46
N PRO A 36 -11.53 2.90 -4.57
CA PRO A 36 -12.55 2.04 -5.16
C PRO A 36 -12.44 1.99 -6.68
N GLY A 37 -11.71 1.00 -7.19
CA GLY A 37 -11.54 0.85 -8.62
C GLY A 37 -12.83 0.43 -9.32
N GLU A 38 -13.68 -0.26 -8.57
CA GLU A 38 -14.97 -0.72 -9.06
C GLU A 38 -16.01 -0.31 -8.05
N ALA A 39 -17.11 0.26 -8.53
CA ALA A 39 -18.17 0.71 -7.65
C ALA A 39 -19.06 -0.43 -7.20
N ALA A 40 -19.36 -1.37 -8.11
CA ALA A 40 -20.36 -2.39 -7.79
C ALA A 40 -20.09 -3.17 -6.51
N PRO A 41 -18.87 -3.70 -6.34
CA PRO A 41 -18.59 -4.48 -5.14
C PRO A 41 -18.71 -3.62 -3.89
N VAL A 42 -18.41 -2.34 -4.05
CA VAL A 42 -18.47 -1.42 -2.91
C VAL A 42 -19.93 -1.14 -2.57
N LEU A 43 -20.74 -0.91 -3.58
CA LEU A 43 -22.16 -0.67 -3.34
C LEU A 43 -22.76 -1.87 -2.64
N LYS A 44 -22.39 -3.05 -3.09
CA LYS A 44 -22.92 -4.27 -2.49
C LYS A 44 -22.48 -4.37 -1.03
N ALA A 45 -21.22 -4.06 -0.77
CA ALA A 45 -20.70 -4.16 0.59
C ALA A 45 -21.35 -3.12 1.49
N ILE A 46 -21.51 -1.91 0.97
CA ILE A 46 -22.17 -0.87 1.73
C ILE A 46 -23.55 -1.33 2.14
N ALA A 47 -24.28 -1.91 1.21
CA ALA A 47 -25.62 -2.41 1.47
C ALA A 47 -25.58 -3.54 2.50
N GLU A 48 -24.62 -4.45 2.36
CA GLU A 48 -24.53 -5.59 3.26
CA GLU A 48 -24.51 -5.59 3.25
C GLU A 48 -24.21 -5.17 4.69
N HIS A 49 -23.29 -4.24 4.84
CA HIS A 49 -22.87 -3.78 6.15
C HIS A 49 -23.71 -2.63 6.67
N LYS A 50 -24.62 -2.14 5.84
CA LYS A 50 -25.37 -0.93 6.14
C LYS A 50 -24.42 0.16 6.55
N TRP A 51 -23.34 0.29 5.79
CA TRP A 51 -22.39 1.37 6.03
C TRP A 51 -22.99 2.67 5.57
N MET A 52 -22.54 3.74 6.19
CA MET A 52 -22.91 5.06 5.77
C MET A 52 -21.66 5.74 5.30
N PRO A 53 -21.46 5.76 3.98
CA PRO A 53 -20.22 6.27 3.43
C PRO A 53 -20.06 7.75 3.72
N GLU A 54 -18.87 8.09 4.19
CA GLU A 54 -18.56 9.47 4.49
C GLU A 54 -17.55 9.99 3.49
N ALA A 55 -16.65 9.11 3.05
CA ALA A 55 -15.57 9.58 2.22
C ALA A 55 -14.97 8.47 1.40
N ILE A 56 -14.27 8.89 0.35
CA ILE A 56 -13.40 8.02 -0.39
C ILE A 56 -12.00 8.60 -0.23
N PHE A 57 -11.03 7.74 -0.05
CA PHE A 57 -9.64 8.13 -0.13
C PHE A 57 -9.07 7.60 -1.42
N LEU A 58 -8.42 8.46 -2.19
CA LEU A 58 -7.69 8.01 -3.37
C LEU A 58 -6.22 8.18 -3.11
N THR A 59 -5.44 7.17 -3.43
CA THR A 59 -4.00 7.25 -3.21
C THR A 59 -3.30 7.75 -4.45
N HIS A 60 -3.85 7.43 -5.61
CA HIS A 60 -3.22 7.81 -6.85
C HIS A 60 -4.19 7.64 -7.99
N HIS A 61 -3.77 8.04 -9.17
CA HIS A 61 -4.74 8.27 -10.23
C HIS A 61 -5.11 7.05 -11.04
N HIS A 62 -4.45 5.94 -10.78
CA HIS A 62 -4.67 4.77 -11.61
C HIS A 62 -6.07 4.28 -11.60
N HIS A 63 -6.49 3.79 -12.75
CA HIS A 63 -7.86 3.41 -12.96
C HIS A 63 -8.35 2.39 -11.95
N ASP A 64 -7.50 1.44 -11.61
CA ASP A 64 -7.92 0.39 -10.68
C ASP A 64 -8.13 0.93 -9.27
N HIS A 65 -7.80 2.20 -9.08
CA HIS A 65 -8.01 2.85 -7.79
C HIS A 65 -9.10 3.87 -7.78
N VAL A 66 -9.45 4.37 -8.96
CA VAL A 66 -10.37 5.49 -9.03
C VAL A 66 -11.61 5.20 -9.86
N GLY A 67 -11.61 4.06 -10.55
CA GLY A 67 -12.66 3.78 -11.51
C GLY A 67 -14.06 3.93 -10.96
N GLY A 68 -14.24 3.55 -9.71
CA GLY A 68 -15.57 3.48 -9.14
C GLY A 68 -16.04 4.77 -8.49
N VAL A 69 -15.19 5.79 -8.50
CA VAL A 69 -15.51 7.01 -7.78
C VAL A 69 -16.79 7.67 -8.27
N LYS A 70 -16.91 7.88 -9.57
CA LYS A 70 -18.06 8.63 -10.08
C LYS A 70 -19.36 7.95 -9.70
N GLU A 71 -19.43 6.64 -9.87
CA GLU A 71 -20.66 5.96 -9.57
C GLU A 71 -20.92 5.97 -8.08
N LEU A 72 -19.88 5.80 -7.28
CA LEU A 72 -20.10 5.82 -5.83
C LEU A 72 -20.60 7.18 -5.39
N LEU A 73 -20.04 8.23 -5.98
CA LEU A 73 -20.47 9.57 -5.67
C LEU A 73 -21.90 9.81 -6.08
N GLN A 74 -22.28 9.22 -7.19
CA GLN A 74 -23.66 9.33 -7.67
C GLN A 74 -24.59 8.76 -6.62
N HIS A 75 -24.18 7.65 -6.01
CA HIS A 75 -25.00 6.99 -5.02
C HIS A 75 -24.93 7.66 -3.67
N PHE A 76 -23.78 8.24 -3.36
CA PHE A 76 -23.57 8.84 -2.05
C PHE A 76 -22.97 10.22 -2.21
N PRO A 77 -23.79 11.17 -2.65
CA PRO A 77 -23.35 12.54 -2.91
C PRO A 77 -22.85 13.22 -1.65
N GLN A 78 -23.14 12.65 -0.49
CA GLN A 78 -22.68 13.22 0.77
C GLN A 78 -21.18 13.05 0.95
N MET A 79 -20.55 12.20 0.14
CA MET A 79 -19.15 11.88 0.36
C MET A 79 -18.21 12.96 -0.10
N THR A 80 -17.09 13.06 0.60
CA THR A 80 -15.96 13.80 0.12
C THR A 80 -15.01 12.78 -0.46
N VAL A 81 -14.42 13.10 -1.60
CA VAL A 81 -13.42 12.25 -2.19
C VAL A 81 -12.08 12.95 -2.01
N TYR A 82 -11.28 12.39 -1.12
CA TYR A 82 -9.94 12.91 -0.88
C TYR A 82 -9.02 12.30 -1.88
N GLY A 83 -8.14 13.12 -2.42
CA GLY A 83 -7.15 12.57 -3.31
C GLY A 83 -6.11 13.61 -3.60
N PRO A 84 -4.97 13.16 -4.12
CA PRO A 84 -3.91 14.09 -4.48
C PRO A 84 -4.33 14.82 -5.75
N ALA A 85 -3.61 15.87 -6.08
CA ALA A 85 -3.92 16.63 -7.27
C ALA A 85 -4.05 15.77 -8.51
N GLU A 86 -3.27 14.69 -8.61
CA GLU A 86 -3.33 13.86 -9.79
C GLU A 86 -4.65 13.11 -9.91
N THR A 87 -5.47 13.18 -8.87
CA THR A 87 -6.79 12.58 -8.96
C THR A 87 -7.88 13.62 -9.10
N GLN A 88 -7.49 14.87 -9.33
CA GLN A 88 -8.47 15.95 -9.43
CA GLN A 88 -8.49 15.93 -9.42
C GLN A 88 -9.45 15.68 -10.57
N ASP A 89 -8.99 15.05 -11.62
CA ASP A 89 -9.84 14.73 -12.75
CA ASP A 89 -9.89 14.75 -12.73
C ASP A 89 -10.43 13.33 -12.65
N LYS A 90 -10.15 12.66 -11.53
CA LYS A 90 -10.67 11.32 -11.30
C LYS A 90 -11.79 11.38 -10.27
N GLY A 91 -12.21 12.58 -9.92
CA GLY A 91 -13.33 12.72 -9.01
C GLY A 91 -13.00 13.21 -7.62
N ALA A 92 -11.72 13.47 -7.34
CA ALA A 92 -11.39 14.05 -6.05
C ALA A 92 -12.15 15.36 -5.85
N THR A 93 -12.71 15.53 -4.66
CA THR A 93 -13.41 16.76 -4.35
C THR A 93 -12.66 17.55 -3.30
N HIS A 94 -11.67 16.92 -2.68
CA HIS A 94 -10.86 17.59 -1.68
C HIS A 94 -9.43 17.17 -1.93
N LEU A 95 -8.63 18.10 -2.47
CA LEU A 95 -7.27 17.75 -2.79
C LEU A 95 -6.44 17.71 -1.54
N VAL A 96 -5.66 16.65 -1.40
CA VAL A 96 -4.79 16.52 -0.25
C VAL A 96 -3.37 16.61 -0.69
N GLY A 97 -2.55 17.18 0.17
CA GLY A 97 -1.13 17.30 -0.07
C GLY A 97 -0.35 16.71 1.07
N ASP A 98 0.95 16.62 0.84
CA ASP A 98 1.87 16.10 1.83
C ASP A 98 1.69 16.79 3.16
N GLY A 99 1.56 16.01 4.23
CA GLY A 99 1.50 16.55 5.57
C GLY A 99 0.11 16.96 6.00
N ASP A 100 -0.85 16.96 5.09
CA ASP A 100 -2.21 17.30 5.48
C ASP A 100 -2.73 16.35 6.54
N THR A 101 -3.56 16.88 7.40
CA THR A 101 -4.34 16.08 8.33
CA THR A 101 -4.34 16.02 8.27
C THR A 101 -5.80 16.30 8.00
N ILE A 102 -6.57 15.22 7.98
CA ILE A 102 -7.99 15.35 7.72
C ILE A 102 -8.76 14.57 8.76
N ARG A 103 -9.96 15.05 9.05
CA ARG A 103 -10.83 14.43 10.02
C ARG A 103 -11.86 13.66 9.25
N VAL A 104 -11.77 12.34 9.32
CA VAL A 104 -12.68 11.47 8.59
C VAL A 104 -13.12 10.39 9.56
N LEU A 105 -14.42 10.12 9.59
CA LEU A 105 -14.96 9.15 10.53
C LEU A 105 -14.71 9.57 11.96
N GLY A 106 -14.43 10.85 12.16
CA GLY A 106 -14.12 11.38 13.47
C GLY A 106 -12.67 11.14 13.87
N GLU A 107 -11.92 10.48 13.00
CA GLU A 107 -10.53 10.20 13.29
CA GLU A 107 -10.52 10.18 13.26
C GLU A 107 -9.62 11.08 12.45
N LYS A 108 -8.38 11.23 12.89
CA LYS A 108 -7.44 12.08 12.20
C LYS A 108 -6.58 11.20 11.32
N PHE A 109 -6.51 11.56 10.05
CA PHE A 109 -5.63 10.88 9.12
C PHE A 109 -4.57 11.84 8.69
N THR A 110 -3.34 11.35 8.63
CA THR A 110 -2.23 12.11 8.13
C THR A 110 -1.95 11.66 6.72
N LEU A 111 -1.74 12.63 5.85
CA LEU A 111 -1.39 12.36 4.47
C LEU A 111 0.11 12.50 4.34
N PHE A 112 0.72 11.58 3.63
CA PHE A 112 2.08 11.87 3.20
C PHE A 112 2.28 11.48 1.76
N ALA A 113 3.01 12.32 1.05
CA ALA A 113 3.31 12.06 -0.34
C ALA A 113 4.31 10.94 -0.43
N THR A 114 4.00 9.99 -1.30
CA THR A 114 4.91 8.90 -1.53
C THR A 114 5.09 8.74 -3.02
N PRO A 115 5.77 9.70 -3.66
CA PRO A 115 5.99 9.61 -5.09
C PRO A 115 6.83 8.39 -5.43
N GLY A 116 6.62 7.86 -6.63
CA GLY A 116 7.42 6.75 -7.10
C GLY A 116 6.61 5.99 -8.11
N HIS A 117 5.59 5.32 -7.61
CA HIS A 117 4.67 4.60 -8.46
C HIS A 117 3.98 5.60 -9.38
N THR A 118 3.38 6.63 -8.79
CA THR A 118 3.02 7.81 -9.55
C THR A 118 3.66 8.99 -8.86
N LEU A 119 3.71 10.12 -9.55
CA LEU A 119 4.33 11.29 -8.97
C LEU A 119 3.54 11.82 -7.80
N GLY A 120 2.22 11.68 -7.86
CA GLY A 120 1.34 12.30 -6.88
C GLY A 120 0.79 11.34 -5.85
N HIS A 121 1.28 10.12 -5.85
CA HIS A 121 0.77 9.10 -4.94
C HIS A 121 0.86 9.61 -3.50
N VAL A 122 -0.20 9.38 -2.75
CA VAL A 122 -0.16 9.71 -1.34
C VAL A 122 -0.56 8.50 -0.53
N CYS A 123 -0.21 8.54 0.73
CA CYS A 123 -0.63 7.52 1.68
C CYS A 123 -1.42 8.19 2.76
N TYR A 124 -2.37 7.46 3.31
CA TYR A 124 -3.19 7.96 4.40
C TYR A 124 -2.86 7.14 5.61
N PHE A 125 -2.63 7.80 6.73
CA PHE A 125 -2.28 7.10 7.94
C PHE A 125 -3.12 7.60 9.07
N SER A 126 -3.76 6.67 9.76
CA SER A 126 -4.40 6.97 11.02
C SER A 126 -4.11 5.78 11.88
N ARG A 127 -3.17 5.93 12.80
CA ARG A 127 -2.60 4.81 13.50
C ARG A 127 -3.67 3.83 13.96
N PRO A 128 -3.52 2.54 13.64
CA PRO A 128 -2.39 1.91 12.95
C PRO A 128 -2.57 1.80 11.44
N TYR A 129 -3.66 2.31 10.90
CA TYR A 129 -3.96 2.04 9.49
C TYR A 129 -3.13 2.87 8.54
N LEU A 130 -2.47 2.19 7.62
CA LEU A 130 -1.77 2.86 6.56
C LEU A 130 -2.35 2.40 5.25
N PHE A 131 -2.93 3.35 4.54
CA PHE A 131 -3.40 3.07 3.20
C PHE A 131 -2.35 3.60 2.27
N CYS A 132 -1.55 2.67 1.76
CA CYS A 132 -0.38 3.06 0.99
C CYS A 132 -0.52 2.67 -0.46
N GLY A 133 -1.75 2.38 -0.88
CA GLY A 133 -2.06 2.18 -2.27
C GLY A 133 -1.11 1.23 -2.96
N ASP A 134 -0.40 1.74 -3.95
CA ASP A 134 0.55 0.93 -4.70
C ASP A 134 1.99 1.31 -4.41
N THR A 135 2.22 1.98 -3.30
CA THR A 135 3.58 2.35 -2.97
C THR A 135 4.31 1.19 -2.34
N LEU A 136 3.72 0.60 -1.33
CA LEU A 136 4.30 -0.54 -0.67
C LEU A 136 3.33 -1.68 -0.82
N PHE A 137 3.85 -2.85 -1.17
CA PHE A 137 3.03 -4.05 -1.17
C PHE A 137 3.65 -4.98 -0.16
N SER A 138 2.91 -5.99 0.26
CA SER A 138 3.57 -6.95 1.13
C SER A 138 4.63 -7.69 0.33
N GLY A 139 5.86 -7.61 0.80
CA GLY A 139 6.98 -8.23 0.12
C GLY A 139 7.49 -7.46 -1.07
N GLY A 140 6.91 -6.31 -1.36
CA GLY A 140 7.32 -5.58 -2.53
C GLY A 140 7.02 -4.11 -2.46
N CYS A 141 6.97 -3.48 -3.62
CA CYS A 141 6.63 -2.08 -3.70
C CYS A 141 6.10 -1.83 -5.08
N GLY A 142 5.52 -0.65 -5.27
CA GLY A 142 4.95 -0.33 -6.56
C GLY A 142 6.02 -0.25 -7.63
N ARG A 143 5.64 -0.66 -8.82
CA ARG A 143 6.46 -0.44 -9.97
C ARG A 143 6.55 1.08 -10.19
N LEU A 144 7.69 1.54 -10.65
CA LEU A 144 7.93 2.97 -10.77
C LEU A 144 7.46 3.49 -12.11
N PHE A 145 6.15 3.67 -12.25
CA PHE A 145 5.63 4.17 -13.51
C PHE A 145 6.01 5.60 -13.80
N GLU A 146 6.09 6.42 -12.76
CA GLU A 146 6.27 7.85 -12.98
C GLU A 146 7.46 8.43 -12.26
N GLY A 147 7.73 7.90 -11.07
CA GLY A 147 8.75 8.48 -10.23
C GLY A 147 10.09 7.81 -10.40
N THR A 148 11.08 8.36 -9.71
CA THR A 148 12.41 7.81 -9.78
C THR A 148 12.60 6.82 -8.65
N PRO A 149 13.61 5.95 -8.78
CA PRO A 149 13.96 5.07 -7.66
C PRO A 149 14.25 5.87 -6.40
N SER A 150 14.88 7.02 -6.54
CA SER A 150 15.17 7.86 -5.38
CA SER A 150 15.16 7.89 -5.40
C SER A 150 13.88 8.26 -4.69
N GLN A 151 12.86 8.64 -5.47
CA GLN A 151 11.58 9.01 -4.89
C GLN A 151 10.96 7.83 -4.18
N MET A 152 10.91 6.69 -4.83
CA MET A 152 10.29 5.54 -4.19
CA MET A 152 10.33 5.51 -4.21
C MET A 152 11.07 5.17 -2.94
N TYR A 153 12.39 5.26 -3.00
CA TYR A 153 13.20 4.92 -1.84
CA TYR A 153 13.23 4.93 -1.85
C TYR A 153 12.85 5.83 -0.67
N GLN A 154 12.76 7.13 -0.94
CA GLN A 154 12.36 8.10 0.07
C GLN A 154 10.98 7.74 0.60
N SER A 155 10.09 7.39 -0.33
CA SER A 155 8.73 7.06 0.04
C SER A 155 8.69 5.84 0.94
N LEU A 156 9.49 4.84 0.62
CA LEU A 156 9.52 3.65 1.42
C LEU A 156 10.13 3.92 2.78
N MET A 157 11.10 4.82 2.84
CA MET A 157 11.67 5.17 4.13
C MET A 157 10.63 5.89 4.98
N LYS A 158 9.79 6.70 4.34
CA LYS A 158 8.73 7.36 5.08
C LYS A 158 7.83 6.32 5.69
N ILE A 159 7.42 5.36 4.87
CA ILE A 159 6.53 4.31 5.35
C ILE A 159 7.23 3.51 6.43
N ASN A 160 8.50 3.19 6.20
CA ASN A 160 9.23 2.36 7.15
C ASN A 160 9.41 3.04 8.49
N SER A 161 9.25 4.36 8.51
CA SER A 161 9.44 5.11 9.74
C SER A 161 8.19 5.06 10.61
N LEU A 162 7.11 4.48 10.09
CA LEU A 162 5.88 4.40 10.85
C LEU A 162 6.00 3.38 11.96
N PRO A 163 5.05 3.41 12.90
CA PRO A 163 5.19 2.52 14.06
C PRO A 163 5.14 1.06 13.67
N ASP A 164 5.74 0.23 14.51
CA ASP A 164 5.78 -1.19 14.27
C ASP A 164 4.40 -1.79 14.06
N ASP A 165 3.40 -1.24 14.73
CA ASP A 165 2.07 -1.83 14.67
C ASP A 165 1.25 -1.38 13.47
N THR A 166 1.88 -0.60 12.61
CA THR A 166 1.20 -0.12 11.41
C THR A 166 0.63 -1.26 10.59
N LEU A 167 -0.64 -1.15 10.26
CA LEU A 167 -1.28 -2.11 9.39
C LEU A 167 -1.17 -1.60 7.98
N ILE A 168 -0.38 -2.33 7.19
CA ILE A 168 -0.14 -2.01 5.80
C ILE A 168 -1.32 -2.48 4.98
N CYS A 169 -2.13 -1.52 4.54
CA CYS A 169 -3.31 -1.82 3.75
C CYS A 169 -3.04 -1.34 2.36
N CYS A 170 -2.28 -2.15 1.63
CA CYS A 170 -1.94 -1.80 0.27
C CYS A 170 -2.99 -2.38 -0.66
N ALA A 171 -2.90 -2.01 -1.92
CA ALA A 171 -4.05 -2.18 -2.79
C ALA A 171 -4.11 -3.52 -3.51
N HIS A 172 -3.00 -4.26 -3.55
CA HIS A 172 -2.95 -5.41 -4.44
C HIS A 172 -2.49 -6.67 -3.77
N GLU A 173 -3.12 -7.76 -4.20
CA GLU A 173 -2.75 -9.09 -3.82
C GLU A 173 -1.55 -9.54 -4.65
N TYR A 174 -0.41 -8.93 -4.37
CA TYR A 174 0.81 -9.23 -5.09
C TYR A 174 1.78 -9.99 -4.22
N THR A 175 1.35 -10.32 -3.01
CA THR A 175 2.26 -10.79 -1.98
C THR A 175 3.01 -12.04 -2.40
N LEU A 176 2.29 -13.03 -2.90
CA LEU A 176 2.93 -14.28 -3.25
C LEU A 176 4.00 -14.08 -4.32
N ALA A 177 3.66 -13.35 -5.38
CA ALA A 177 4.62 -13.06 -6.42
C ALA A 177 5.78 -12.26 -5.86
N ASN A 178 5.47 -11.34 -4.95
CA ASN A 178 6.52 -10.54 -4.34
C ASN A 178 7.50 -11.40 -3.58
N ILE A 179 6.98 -12.36 -2.85
CA ILE A 179 7.85 -13.19 -2.04
C ILE A 179 8.63 -14.16 -2.91
N LYS A 180 8.01 -14.63 -3.99
CA LYS A 180 8.75 -15.45 -4.93
C LYS A 180 9.91 -14.64 -5.46
N PHE A 181 9.69 -13.38 -5.76
CA PHE A 181 10.80 -12.54 -6.18
C PHE A 181 11.83 -12.45 -5.05
N ALA A 182 11.37 -12.23 -3.82
CA ALA A 182 12.30 -12.07 -2.71
C ALA A 182 13.18 -13.28 -2.57
N LEU A 183 12.60 -14.46 -2.76
CA LEU A 183 13.35 -15.70 -2.62
C LEU A 183 14.35 -15.88 -3.74
N SER A 184 14.18 -15.15 -4.83
CA SER A 184 15.15 -15.19 -5.90
C SER A 184 16.39 -14.40 -5.51
N ILE A 185 16.27 -13.57 -4.49
CA ILE A 185 17.37 -12.74 -4.03
C ILE A 185 18.00 -13.34 -2.78
N LEU A 186 17.18 -13.61 -1.78
CA LEU A 186 17.63 -14.23 -0.53
C LEU A 186 16.91 -15.55 -0.32
N PRO A 187 17.29 -16.57 -1.10
CA PRO A 187 16.59 -17.85 -1.10
C PRO A 187 16.57 -18.50 0.26
N HIS A 188 17.53 -18.16 1.10
CA HIS A 188 17.66 -18.87 2.36
C HIS A 188 17.27 -18.02 3.56
N ASP A 189 16.68 -16.86 3.29
CA ASP A 189 16.28 -15.99 4.37
C ASP A 189 15.17 -16.66 5.17
N SER A 190 15.38 -16.78 6.47
CA SER A 190 14.45 -17.49 7.33
CA SER A 190 14.46 -17.48 7.35
C SER A 190 13.08 -16.83 7.35
N PHE A 191 13.07 -15.51 7.50
CA PHE A 191 11.82 -14.78 7.56
C PHE A 191 11.05 -14.87 6.26
N ILE A 192 11.75 -14.67 5.16
CA ILE A 192 11.08 -14.69 3.87
C ILE A 192 10.53 -16.08 3.58
N ASN A 193 11.30 -17.11 3.91
CA ASN A 193 10.84 -18.47 3.71
C ASN A 193 9.61 -18.78 4.56
N GLU A 194 9.63 -18.34 5.80
CA GLU A 194 8.48 -18.55 6.67
C GLU A 194 7.27 -17.86 6.07
N TYR A 195 7.49 -16.63 5.61
CA TYR A 195 6.39 -15.85 5.06
C TYR A 195 5.86 -16.48 3.76
N TYR A 196 6.77 -16.96 2.92
CA TYR A 196 6.38 -17.65 1.71
C TYR A 196 5.45 -18.80 2.03
N ARG A 197 5.82 -19.59 3.04
CA ARG A 197 4.99 -20.70 3.44
C ARG A 197 3.59 -20.21 3.84
N LYS A 198 3.55 -19.19 4.67
CA LYS A 198 2.29 -18.68 5.14
C LYS A 198 1.45 -18.14 4.00
N VAL A 199 2.10 -17.37 3.13
CA VAL A 199 1.41 -16.73 2.03
C VAL A 199 0.92 -17.75 1.01
N LYS A 200 1.70 -18.78 0.76
CA LYS A 200 1.27 -19.82 -0.15
C LYS A 200 -0.01 -20.47 0.35
N GLU A 201 -0.07 -20.72 1.65
CA GLU A 201 -1.25 -21.40 2.18
C GLU A 201 -2.46 -20.49 2.10
N LEU A 202 -2.27 -19.21 2.38
CA LEU A 202 -3.39 -18.29 2.24
C LEU A 202 -3.87 -18.30 0.81
N ARG A 203 -2.95 -18.17 -0.13
CA ARG A 203 -3.34 -18.01 -1.52
C ARG A 203 -3.98 -19.27 -2.08
N VAL A 204 -3.45 -20.42 -1.71
CA VAL A 204 -4.01 -21.68 -2.17
CA VAL A 204 -4.01 -21.69 -2.14
C VAL A 204 -5.45 -21.81 -1.68
N LYS A 205 -5.73 -21.25 -0.50
CA LYS A 205 -7.09 -21.24 0.06
C LYS A 205 -7.91 -20.06 -0.43
N LYS A 206 -7.35 -19.30 -1.37
CA LYS A 206 -8.04 -18.13 -1.93
C LYS A 206 -8.33 -17.09 -0.86
N GLN A 207 -7.39 -16.95 0.06
CA GLN A 207 -7.51 -15.98 1.14
C GLN A 207 -6.54 -14.85 0.92
N MET A 208 -6.95 -13.65 1.30
CA MET A 208 -6.08 -12.51 1.08
C MET A 208 -4.91 -12.54 2.04
N THR A 209 -3.87 -11.83 1.67
CA THR A 209 -2.66 -11.82 2.47
C THR A 209 -2.48 -10.52 3.21
N LEU A 210 -3.50 -9.68 3.16
CA LEU A 210 -3.41 -8.34 3.70
C LEU A 210 -4.54 -8.14 4.71
N PRO A 211 -4.36 -7.19 5.63
CA PRO A 211 -3.19 -6.34 5.76
C PRO A 211 -2.09 -7.05 6.49
N VAL A 212 -0.94 -6.40 6.53
CA VAL A 212 0.20 -6.95 7.26
CA VAL A 212 0.23 -6.93 7.20
C VAL A 212 0.72 -5.89 8.19
N ILE A 213 1.39 -6.34 9.24
CA ILE A 213 1.90 -5.44 10.26
C ILE A 213 3.30 -5.05 9.86
N LEU A 214 3.58 -3.76 9.93
CA LEU A 214 4.85 -3.23 9.43
C LEU A 214 6.04 -3.91 10.10
N LYS A 215 5.96 -4.16 11.40
CA LYS A 215 7.05 -4.83 12.12
CA LYS A 215 7.09 -4.79 12.08
C LYS A 215 7.45 -6.12 11.43
N ASN A 216 6.45 -6.83 10.92
CA ASN A 216 6.70 -8.11 10.28
C ASN A 216 7.07 -7.90 8.83
N GLU A 217 6.36 -6.98 8.21
CA GLU A 217 6.55 -6.67 6.83
C GLU A 217 8.01 -6.32 6.54
N ARG A 218 8.64 -5.56 7.41
CA ARG A 218 9.99 -5.11 7.11
C ARG A 218 11.00 -6.24 7.22
N LYS A 219 10.60 -7.36 7.82
CA LYS A 219 11.47 -8.52 7.89
C LYS A 219 11.48 -9.27 6.58
N ILE A 220 10.41 -9.12 5.80
CA ILE A 220 10.26 -9.94 4.59
C ILE A 220 10.21 -9.13 3.32
N ASN A 221 10.28 -7.81 3.45
CA ASN A 221 10.20 -6.95 2.30
C ASN A 221 11.57 -6.45 1.94
N LEU A 222 12.14 -6.97 0.86
CA LEU A 222 13.50 -6.60 0.52
C LEU A 222 13.63 -5.11 0.29
N PHE A 223 12.54 -4.48 -0.12
CA PHE A 223 12.57 -3.06 -0.41
C PHE A 223 12.57 -2.22 0.85
N LEU A 224 12.34 -2.89 1.98
CA LEU A 224 12.48 -2.24 3.28
C LEU A 224 13.74 -2.71 3.97
N ARG A 225 14.54 -3.50 3.26
CA ARG A 225 15.74 -4.08 3.85
C ARG A 225 17.00 -3.62 3.12
N THR A 226 16.91 -2.44 2.50
CA THR A 226 18.00 -1.91 1.70
C THR A 226 19.29 -1.80 2.50
N GLU A 227 19.17 -1.57 3.80
CA GLU A 227 20.38 -1.42 4.62
CA GLU A 227 20.32 -1.41 4.69
C GLU A 227 20.70 -2.70 5.41
N ASP A 228 19.97 -3.77 5.12
CA ASP A 228 20.22 -5.05 5.77
CA ASP A 228 20.23 -5.05 5.78
C ASP A 228 21.52 -5.68 5.24
N ILE A 229 22.39 -6.07 6.16
CA ILE A 229 23.67 -6.66 5.81
CA ILE A 229 23.67 -6.63 5.78
C ILE A 229 23.53 -7.84 4.86
N ASP A 230 22.57 -8.72 5.14
CA ASP A 230 22.35 -9.91 4.32
CA ASP A 230 22.41 -9.91 4.31
C ASP A 230 22.01 -9.55 2.88
N LEU A 231 21.13 -8.57 2.72
CA LEU A 231 20.74 -8.14 1.40
C LEU A 231 21.89 -7.43 0.72
N ILE A 232 22.56 -6.56 1.45
CA ILE A 232 23.70 -5.85 0.89
C ILE A 232 24.75 -6.85 0.43
N ASN A 233 25.03 -7.85 1.27
CA ASN A 233 26.02 -8.85 0.91
C ASN A 233 25.64 -9.59 -0.36
N GLU A 234 24.35 -9.87 -0.53
CA GLU A 234 23.87 -10.55 -1.72
CA GLU A 234 23.90 -10.56 -1.72
C GLU A 234 24.06 -9.68 -2.95
N ILE A 235 23.63 -8.43 -2.86
CA ILE A 235 23.77 -7.54 -3.99
C ILE A 235 25.25 -7.36 -4.32
N ASN A 236 26.08 -7.25 -3.28
CA ASN A 236 27.53 -7.13 -3.44
C ASN A 236 28.15 -8.26 -4.23
N LYS A 237 27.45 -9.39 -4.30
CA LYS A 237 27.95 -10.54 -5.04
C LYS A 237 27.97 -10.25 -6.52
N GLU A 238 27.26 -9.20 -6.94
CA GLU A 238 27.11 -8.93 -8.36
CA GLU A 238 27.09 -8.92 -8.36
C GLU A 238 27.44 -7.49 -8.74
N THR A 239 27.22 -6.55 -7.83
CA THR A 239 27.53 -5.17 -8.12
C THR A 239 27.74 -4.43 -6.81
N ILE A 240 28.67 -3.48 -6.84
CA ILE A 240 29.00 -2.68 -5.67
C ILE A 240 28.32 -1.33 -5.81
N LEU A 241 27.26 -1.13 -5.02
CA LEU A 241 26.52 0.12 -5.05
C LEU A 241 26.45 0.68 -3.66
N GLN A 242 27.23 1.73 -3.40
CA GLN A 242 27.28 2.34 -2.09
CA GLN A 242 27.28 2.36 -2.09
C GLN A 242 25.93 2.96 -1.73
N GLN A 243 25.32 3.67 -2.69
CA GLN A 243 24.07 4.38 -2.44
C GLN A 243 22.87 3.44 -2.26
N PRO A 244 22.11 3.61 -1.18
N PRO A 244 22.10 3.64 -1.20
CA PRO A 244 20.93 2.79 -0.92
CA PRO A 244 20.92 2.82 -0.88
C PRO A 244 19.94 2.90 -2.08
C PRO A 244 19.86 2.92 -1.97
N GLU A 245 19.72 4.11 -2.55
CA GLU A 245 18.81 4.33 -3.69
CA GLU A 245 18.79 4.31 -3.66
C GLU A 245 19.22 3.48 -4.87
N ALA A 246 20.53 3.34 -5.05
CA ALA A 246 21.06 2.56 -6.16
C ALA A 246 20.76 1.07 -5.98
N ARG A 247 20.90 0.58 -4.76
CA ARG A 247 20.60 -0.83 -4.51
C ARG A 247 19.10 -1.07 -4.53
N PHE A 248 18.34 -0.11 -4.00
CA PHE A 248 16.90 -0.21 -4.12
C PHE A 248 16.53 -0.22 -5.59
N ALA A 249 17.15 0.67 -6.36
CA ALA A 249 16.90 0.74 -7.79
C ALA A 249 17.25 -0.58 -8.46
N TRP A 250 18.36 -1.18 -8.02
CA TRP A 250 18.80 -2.44 -8.57
C TRP A 250 17.75 -3.50 -8.33
N LEU A 251 17.29 -3.58 -7.08
CA LEU A 251 16.31 -4.56 -6.68
C LEU A 251 15.00 -4.32 -7.43
N ARG A 252 14.64 -3.05 -7.58
CA ARG A 252 13.42 -2.70 -8.26
C ARG A 252 13.54 -3.08 -9.74
N SER A 253 14.72 -2.88 -10.32
CA SER A 253 14.93 -3.27 -11.70
C SER A 253 14.81 -4.79 -11.86
N LYS A 254 15.39 -5.50 -10.89
CA LYS A 254 15.29 -6.96 -10.89
C LYS A 254 13.85 -7.39 -10.80
N LYS A 255 13.08 -6.70 -9.97
CA LYS A 255 11.69 -7.06 -9.79
C LYS A 255 10.91 -6.77 -11.07
N ASP A 256 11.29 -5.69 -11.74
CA ASP A 256 10.63 -5.29 -12.98
C ASP A 256 10.60 -6.42 -13.99
N THR A 257 11.67 -7.20 -14.05
CA THR A 257 11.79 -8.21 -15.09
C THR A 257 11.61 -9.63 -14.57
N PHE A 258 11.43 -9.77 -13.27
CA PHE A 258 11.32 -11.08 -12.69
C PHE A 258 10.12 -11.84 -13.23
#